data_2VD4
#
_entry.id   2VD4
#
_cell.length_a   108.186
_cell.length_b   108.186
_cell.length_c   327.430
_cell.angle_alpha   90.00
_cell.angle_beta   90.00
_cell.angle_gamma   120.00
#
_symmetry.space_group_name_H-M   'H 3 2'
#
loop_
_entity.id
_entity.type
_entity.pdbx_description
1 polymer 'BIFUNCTIONAL PROTEIN GLMU'
2 non-polymer 4-chloro-N-(3-methoxypropyl)-N-[(3S)-1-(2-phenylethyl)piperidin-3-yl]benzamide
3 non-polymer 'SULFATE ION'
4 non-polymer 'TETRAETHYLENE GLYCOL'
5 non-polymer 'TRIETHYLENE GLYCOL'
6 non-polymer 'MAGNESIUM ION'
7 water water
#
_entity_poly.entity_id   1
_entity_poly.type   'polypeptide(L)'
_entity_poly.pdbx_seq_one_letter_code
;MTKKALSAVILAAGKGTRMYSDLPKVLHTIAGKPMVKHVIDTAHQLGSENIHLIYGHGGDLMRTHLANEQVNWVLQTEQL
GTAHAVQQAAPFFKDNENIVVLYGDAPLITKETLEKLIEAKPENGIALLTVNLDNPTGYGRIIRENGNVVAIVEQKDANA
EQLNIKEVNTGVMVSDGASFKKWLARVGNNNAQGEYYLTDLIALANQDNCQVVAVQATDVMEVEGANNRLQLAALERYFQ
NKQASKLLLEGVMIYDPARFDLRGTLEHGKDVEIDVNVIIEGNVKLGDRVKIGTGCVLKNVVIGNDVEIKPYSVLEDSIV
GEKAAIGPFSRLRPGAELAAETHVGNFVEIKKSTVGKGSKVNHLTYVGDSEIGSNCNIGAGVITCNYDGANKFKTIIGDD
VFVGSDTQLVAPVKVANGATIGAGTTITRDVGENELVITRVAQRHIQGWQRPIKKK
;
_entity_poly.pdbx_strand_id   A
#
loop_
_chem_comp.id
_chem_comp.type
_chem_comp.name
_chem_comp.formula
MG non-polymer 'MAGNESIUM ION' 'Mg 2'
P21 non-polymer 4-chloro-N-(3-methoxypropyl)-N-[(3S)-1-(2-phenylethyl)piperidin-3-yl]benzamide 'C24 H31 Cl N2 O2'
PG4 non-polymer 'TETRAETHYLENE GLYCOL' 'C8 H18 O5'
PGE non-polymer 'TRIETHYLENE GLYCOL' 'C6 H14 O4'
SO4 non-polymer 'SULFATE ION' 'O4 S -2'
#
# COMPACT_ATOMS: atom_id res chain seq x y z
N LYS A 4 2.30 28.34 14.30
CA LYS A 4 0.81 28.45 14.23
C LYS A 4 0.17 27.20 13.62
N ALA A 5 -1.14 27.11 13.71
CA ALA A 5 -1.86 25.93 13.26
C ALA A 5 -1.78 25.82 11.75
N LEU A 6 -2.17 24.66 11.24
CA LEU A 6 -2.13 24.37 9.81
C LEU A 6 -3.35 23.56 9.46
N SER A 7 -3.94 23.85 8.30
CA SER A 7 -4.91 22.95 7.69
C SER A 7 -4.57 22.82 6.20
N ALA A 8 -5.14 21.80 5.57
CA ALA A 8 -4.83 21.50 4.18
C ALA A 8 -6.10 21.50 3.35
N VAL A 9 -5.96 21.87 2.09
CA VAL A 9 -7.00 21.68 1.10
C VAL A 9 -6.46 20.74 0.02
N ILE A 10 -7.19 19.68 -0.28
CA ILE A 10 -6.78 18.73 -1.31
C ILE A 10 -7.78 18.74 -2.45
N LEU A 11 -7.28 19.02 -3.64
CA LEU A 11 -8.11 19.11 -4.84
C LEU A 11 -8.26 17.73 -5.45
N ALA A 12 -9.47 17.21 -5.46
CA ALA A 12 -9.68 15.79 -5.80
C ALA A 12 -10.97 15.51 -6.58
N ALA A 13 -11.44 16.50 -7.33
CA ALA A 13 -12.75 16.42 -7.98
C ALA A 13 -12.76 15.85 -9.39
N GLY A 14 -11.59 15.62 -9.96
CA GLY A 14 -11.46 15.32 -11.38
C GLY A 14 -11.98 13.97 -11.84
N LYS A 15 -12.47 13.97 -13.07
CA LYS A 15 -12.97 12.79 -13.75
C LYS A 15 -11.86 11.84 -14.18
N GLY A 16 -10.71 12.39 -14.54
CA GLY A 16 -9.60 11.58 -15.01
C GLY A 16 -9.95 10.83 -16.28
N THR A 17 -10.42 11.57 -17.27
CA THR A 17 -10.92 11.00 -18.50
C THR A 17 -9.91 10.08 -19.19
N ARG A 18 -8.65 10.48 -19.20
CA ARG A 18 -7.59 9.76 -19.92
C ARG A 18 -7.08 8.50 -19.18
N MET A 19 -7.67 8.21 -18.01
CA MET A 19 -7.49 6.91 -17.35
C MET A 19 -8.39 5.85 -17.98
N TYR A 20 -9.44 6.31 -18.66
CA TYR A 20 -10.46 5.45 -19.27
C TYR A 20 -10.99 4.45 -18.25
N SER A 21 -11.51 5.01 -17.17
CA SER A 21 -11.92 4.25 -15.99
C SER A 21 -13.29 4.67 -15.50
N ASP A 22 -13.96 3.73 -14.84
CA ASP A 22 -15.17 4.03 -14.08
C ASP A 22 -14.84 4.70 -12.74
N LEU A 23 -13.58 4.65 -12.30
CA LEU A 23 -13.16 5.37 -11.10
C LEU A 23 -12.87 6.84 -11.41
N PRO A 24 -13.05 7.71 -10.41
CA PRO A 24 -12.55 9.07 -10.54
C PRO A 24 -11.02 9.07 -10.43
N LYS A 25 -10.41 10.15 -10.88
CA LYS A 25 -8.97 10.25 -11.08
C LYS A 25 -8.15 9.86 -9.85
N VAL A 26 -8.51 10.36 -8.68
CA VAL A 26 -7.60 10.24 -7.53
C VAL A 26 -7.73 8.93 -6.76
N LEU A 27 -8.66 8.06 -7.16
CA LEU A 27 -8.82 6.76 -6.51
C LEU A 27 -7.89 5.68 -7.08
N HIS A 28 -7.27 5.94 -8.22
CA HIS A 28 -6.27 5.01 -8.75
C HIS A 28 -5.14 4.88 -7.75
N THR A 29 -4.60 3.67 -7.60
CA THR A 29 -3.66 3.39 -6.53
C THR A 29 -2.19 3.53 -6.92
N ILE A 30 -1.40 3.91 -5.91
CA ILE A 30 0.04 3.82 -5.89
C ILE A 30 0.40 2.99 -4.66
N ALA A 31 1.19 1.93 -4.86
CA ALA A 31 1.57 1.05 -3.75
C ALA A 31 0.35 0.58 -2.94
N GLY A 32 -0.73 0.25 -3.64
CA GLY A 32 -1.93 -0.32 -3.04
C GLY A 32 -2.90 0.64 -2.38
N LYS A 33 -2.62 1.94 -2.41
CA LYS A 33 -3.57 2.90 -1.85
C LYS A 33 -3.83 4.08 -2.79
N PRO A 34 -5.06 4.58 -2.77
CA PRO A 34 -5.46 5.68 -3.67
C PRO A 34 -4.46 6.81 -3.63
N MET A 35 -4.19 7.43 -4.76
CA MET A 35 -3.31 8.60 -4.80
C MET A 35 -3.69 9.62 -3.73
N VAL A 36 -4.99 9.88 -3.59
CA VAL A 36 -5.44 10.91 -2.66
C VAL A 36 -5.14 10.54 -1.20
N LYS A 37 -5.13 9.24 -0.89
CA LYS A 37 -4.79 8.77 0.45
C LYS A 37 -3.33 9.07 0.81
N HIS A 38 -2.43 8.98 -0.17
CA HIS A 38 -1.05 9.41 0.04
C HIS A 38 -1.00 10.86 0.48
N VAL A 39 -1.76 11.71 -0.21
CA VAL A 39 -1.75 13.15 0.08
C VAL A 39 -2.43 13.46 1.42
N ILE A 40 -3.54 12.81 1.73
CA ILE A 40 -4.18 12.92 3.04
C ILE A 40 -3.17 12.57 4.15
N ASP A 41 -2.44 11.47 3.98
CA ASP A 41 -1.49 11.02 5.00
C ASP A 41 -0.36 12.01 5.19
N THR A 42 0.13 12.57 4.09
CA THR A 42 1.19 13.55 4.15
C THR A 42 0.71 14.81 4.87
N ALA A 43 -0.52 15.22 4.56
CA ALA A 43 -1.11 16.37 5.22
C ALA A 43 -1.22 16.13 6.72
N HIS A 44 -1.63 14.91 7.11
CA HIS A 44 -1.76 14.54 8.52
C HIS A 44 -0.39 14.55 9.23
N GLN A 45 0.64 14.05 8.55
CA GLN A 45 1.99 13.99 9.11
C GLN A 45 2.63 15.37 9.29
N LEU A 46 2.18 16.33 8.49
CA LEU A 46 2.62 17.72 8.62
C LEU A 46 2.02 18.40 9.84
N GLY A 47 0.95 17.81 10.38
CA GLY A 47 0.27 18.32 11.55
C GLY A 47 -1.01 19.06 11.21
N SER A 48 -1.63 18.77 10.08
CA SER A 48 -2.85 19.47 9.65
C SER A 48 -3.99 19.22 10.65
N GLU A 49 -4.64 20.28 11.08
CA GLU A 49 -5.76 20.17 12.00
C GLU A 49 -7.01 19.74 11.25
N ASN A 50 -7.28 20.40 10.12
CA ASN A 50 -8.36 20.02 9.23
C ASN A 50 -7.77 19.70 7.85
N ILE A 51 -8.42 18.78 7.14
CA ILE A 51 -8.10 18.50 5.75
C ILE A 51 -9.40 18.61 4.97
N HIS A 52 -9.48 19.62 4.11
CA HIS A 52 -10.64 19.86 3.30
C HIS A 52 -10.51 19.18 1.94
N LEU A 53 -11.32 18.16 1.71
CA LEU A 53 -11.23 17.37 0.50
C LEU A 53 -12.25 17.87 -0.51
N ILE A 54 -11.77 18.56 -1.55
CA ILE A 54 -12.64 19.02 -2.61
C ILE A 54 -12.88 17.84 -3.55
N TYR A 55 -14.11 17.38 -3.61
CA TYR A 55 -14.43 16.25 -4.47
C TYR A 55 -15.65 16.55 -5.33
N GLY A 56 -15.92 15.67 -6.29
CA GLY A 56 -16.96 15.91 -7.29
C GLY A 56 -17.29 14.67 -8.10
N HIS A 57 -16.54 14.45 -9.18
CA HIS A 57 -16.74 13.28 -10.00
C HIS A 57 -16.52 11.98 -9.22
N GLY A 58 -17.34 10.98 -9.52
CA GLY A 58 -17.27 9.71 -8.83
C GLY A 58 -17.48 9.86 -7.34
N GLY A 59 -18.35 10.79 -6.96
CA GLY A 59 -18.64 11.11 -5.57
C GLY A 59 -18.94 9.93 -4.69
N ASP A 60 -19.85 9.05 -5.11
CA ASP A 60 -20.20 7.85 -4.31
C ASP A 60 -19.01 6.91 -4.10
N LEU A 61 -18.19 6.77 -5.14
CA LEU A 61 -16.98 5.94 -5.02
C LEU A 61 -15.96 6.57 -4.08
N MET A 62 -15.81 7.89 -4.14
CA MET A 62 -14.93 8.60 -3.22
C MET A 62 -15.34 8.30 -1.75
N ARG A 63 -16.63 8.42 -1.47
CA ARG A 63 -17.16 8.20 -0.13
C ARG A 63 -17.03 6.76 0.36
N THR A 64 -17.17 5.78 -0.53
CA THR A 64 -17.02 4.38 -0.13
C THR A 64 -15.55 4.01 0.08
N HIS A 65 -14.69 4.41 -0.85
CA HIS A 65 -13.26 4.08 -0.78
C HIS A 65 -12.47 4.84 0.29
N LEU A 66 -12.96 6.00 0.72
CA LEU A 66 -12.25 6.84 1.69
C LEU A 66 -13.12 7.10 2.90
N ALA A 67 -14.05 6.19 3.19
CA ALA A 67 -15.06 6.39 4.23
C ALA A 67 -14.44 6.72 5.59
N ASN A 68 -13.32 6.09 5.91
CA ASN A 68 -12.66 6.30 7.19
C ASN A 68 -11.67 7.44 7.30
N GLU A 69 -11.54 8.26 6.26
CA GLU A 69 -10.55 9.33 6.30
C GLU A 69 -11.09 10.54 7.06
N GLN A 70 -10.23 11.12 7.89
CA GLN A 70 -10.56 12.29 8.70
C GLN A 70 -10.39 13.56 7.85
N VAL A 71 -11.40 13.79 7.02
CA VAL A 71 -11.44 14.93 6.12
C VAL A 71 -12.80 15.60 6.20
N ASN A 72 -12.82 16.88 5.84
CA ASN A 72 -14.04 17.62 5.58
C ASN A 72 -14.42 17.41 4.12
N TRP A 73 -15.56 16.77 3.89
CA TRP A 73 -16.07 16.49 2.54
C TRP A 73 -16.73 17.71 1.90
N VAL A 74 -16.03 18.34 0.96
CA VAL A 74 -16.51 19.54 0.30
C VAL A 74 -16.90 19.20 -1.13
N LEU A 75 -18.19 18.96 -1.34
CA LEU A 75 -18.73 18.54 -2.62
C LEU A 75 -18.90 19.72 -3.56
N GLN A 76 -18.08 19.75 -4.59
CA GLN A 76 -18.08 20.79 -5.58
C GLN A 76 -18.99 20.36 -6.74
N THR A 77 -19.98 21.19 -7.08
CA THR A 77 -20.95 20.85 -8.13
C THR A 77 -20.42 21.16 -9.54
N GLU A 78 -19.51 22.13 -9.68
CA GLU A 78 -18.90 22.42 -10.99
C GLU A 78 -17.43 22.81 -10.86
N GLN A 79 -16.63 22.35 -11.82
CA GLN A 79 -15.22 22.68 -11.87
C GLN A 79 -15.08 23.96 -12.68
N LEU A 80 -14.75 25.05 -11.98
CA LEU A 80 -14.63 26.37 -12.61
C LEU A 80 -13.23 26.92 -12.41
N GLY A 81 -12.30 26.08 -12.00
CA GLY A 81 -10.90 26.43 -11.83
C GLY A 81 -10.41 26.16 -10.42
N THR A 82 -9.10 26.18 -10.23
CA THR A 82 -8.54 25.80 -8.94
C THR A 82 -8.86 26.81 -7.83
N ALA A 83 -8.96 28.10 -8.16
CA ALA A 83 -9.32 29.11 -7.15
C ALA A 83 -10.75 28.91 -6.66
N HIS A 84 -11.63 28.55 -7.57
CA HIS A 84 -13.02 28.26 -7.22
C HIS A 84 -13.08 27.04 -6.30
N ALA A 85 -12.26 26.04 -6.58
CA ALA A 85 -12.22 24.82 -5.76
C ALA A 85 -11.76 25.13 -4.33
N VAL A 86 -10.69 25.90 -4.19
CA VAL A 86 -10.17 26.26 -2.88
C VAL A 86 -11.18 27.11 -2.12
N GLN A 87 -11.86 28.01 -2.85
CA GLN A 87 -12.86 28.88 -2.25
C GLN A 87 -14.05 28.11 -1.67
N GLN A 88 -14.34 26.91 -2.18
CA GLN A 88 -15.38 26.05 -1.58
C GLN A 88 -15.07 25.70 -0.12
N ALA A 89 -13.79 25.58 0.22
CA ALA A 89 -13.34 25.26 1.57
C ALA A 89 -13.07 26.50 2.44
N ALA A 90 -12.92 27.65 1.80
CA ALA A 90 -12.49 28.88 2.49
C ALA A 90 -13.35 29.32 3.69
N PRO A 91 -14.68 29.12 3.67
CA PRO A 91 -15.47 29.45 4.86
C PRO A 91 -15.04 28.74 6.13
N PHE A 92 -14.32 27.62 5.99
CA PHE A 92 -13.84 26.85 7.13
C PHE A 92 -12.40 27.15 7.56
N PHE A 93 -11.71 28.01 6.82
CA PHE A 93 -10.35 28.40 7.20
C PHE A 93 -10.40 29.30 8.43
N LYS A 94 -9.56 29.01 9.40
CA LYS A 94 -9.32 29.93 10.50
C LYS A 94 -8.46 31.08 9.99
N ASP A 95 -8.77 32.29 10.44
CA ASP A 95 -8.03 33.46 9.99
C ASP A 95 -6.53 33.31 10.25
N ASN A 96 -6.16 32.79 11.41
CA ASN A 96 -4.74 32.74 11.80
C ASN A 96 -4.09 31.37 11.76
N GLU A 97 -4.62 30.47 10.92
CA GLU A 97 -3.92 29.23 10.61
C GLU A 97 -3.34 29.35 9.22
N ASN A 98 -2.26 28.62 8.97
CA ASN A 98 -1.75 28.45 7.63
C ASN A 98 -2.59 27.41 6.89
N ILE A 99 -2.72 27.61 5.59
CA ILE A 99 -3.43 26.69 4.70
C ILE A 99 -2.47 26.29 3.59
N VAL A 100 -2.33 24.99 3.38
CA VAL A 100 -1.54 24.47 2.29
C VAL A 100 -2.50 23.83 1.27
N VAL A 101 -2.27 24.16 0.00
CA VAL A 101 -3.08 23.62 -1.08
C VAL A 101 -2.29 22.53 -1.82
N LEU A 102 -2.89 21.35 -1.91
CA LEU A 102 -2.28 20.16 -2.49
C LEU A 102 -3.20 19.53 -3.53
N TYR A 103 -2.63 18.74 -4.43
CA TYR A 103 -3.37 18.10 -5.50
C TYR A 103 -3.48 16.60 -5.23
N GLY A 104 -4.70 16.08 -5.29
CA GLY A 104 -4.98 14.69 -5.00
C GLY A 104 -4.39 13.69 -5.99
N ASP A 105 -4.00 14.19 -7.16
CA ASP A 105 -3.37 13.38 -8.21
C ASP A 105 -1.84 13.56 -8.27
N ALA A 106 -1.26 14.11 -7.22
CA ALA A 106 0.18 14.29 -7.08
C ALA A 106 0.63 13.71 -5.74
N PRO A 107 0.69 12.38 -5.66
CA PRO A 107 0.86 11.69 -4.38
C PRO A 107 2.26 11.64 -3.82
N LEU A 108 3.28 12.04 -4.59
CA LEU A 108 4.65 11.88 -4.17
C LEU A 108 5.21 13.08 -3.41
N ILE A 109 4.43 14.16 -3.26
CA ILE A 109 4.90 15.32 -2.51
C ILE A 109 5.33 14.94 -1.10
N THR A 110 6.51 15.40 -0.69
CA THR A 110 7.08 14.98 0.61
C THR A 110 6.76 15.94 1.74
N LYS A 111 6.62 15.37 2.94
CA LYS A 111 6.55 16.11 4.19
C LYS A 111 7.68 17.13 4.31
N GLU A 112 8.88 16.74 3.92
CA GLU A 112 10.08 17.56 4.09
C GLU A 112 10.04 18.82 3.22
N THR A 113 9.63 18.67 1.97
CA THR A 113 9.50 19.80 1.07
C THR A 113 8.44 20.76 1.59
N LEU A 114 7.34 20.20 2.10
CA LEU A 114 6.20 20.99 2.54
C LEU A 114 6.49 21.70 3.85
N GLU A 115 7.33 21.11 4.70
CA GLU A 115 7.78 21.77 5.92
C GLU A 115 8.61 23.00 5.58
N LYS A 116 9.48 22.89 4.58
CA LYS A 116 10.31 24.02 4.12
C LYS A 116 9.43 25.11 3.52
N LEU A 117 8.41 24.69 2.78
CA LEU A 117 7.48 25.60 2.16
C LEU A 117 6.76 26.42 3.22
N ILE A 118 6.25 25.73 4.24
CA ILE A 118 5.53 26.39 5.33
C ILE A 118 6.44 27.35 6.09
N GLU A 119 7.65 26.90 6.43
CA GLU A 119 8.60 27.72 7.18
C GLU A 119 9.02 28.99 6.42
N ALA A 120 9.03 28.91 5.09
CA ALA A 120 9.45 30.02 4.25
C ALA A 120 8.38 31.12 4.11
N LYS A 121 7.13 30.82 4.44
CA LYS A 121 6.03 31.76 4.22
C LYS A 121 6.19 32.99 5.10
N PRO A 122 6.30 34.18 4.48
CA PRO A 122 6.39 35.41 5.26
C PRO A 122 5.03 35.81 5.81
N GLU A 123 5.02 36.53 6.93
CA GLU A 123 3.78 37.02 7.52
C GLU A 123 2.96 37.76 6.46
N ASN A 124 1.66 37.43 6.41
CA ASN A 124 0.70 37.99 5.45
C ASN A 124 1.03 37.76 3.97
N GLY A 125 1.98 36.88 3.70
CA GLY A 125 2.41 36.59 2.35
C GLY A 125 2.12 35.17 1.93
N ILE A 126 2.81 34.73 0.88
CA ILE A 126 2.64 33.39 0.30
C ILE A 126 4.01 32.71 0.15
N ALA A 127 4.07 31.41 0.42
CA ALA A 127 5.17 30.59 -0.02
C ALA A 127 4.67 29.75 -1.19
N LEU A 128 5.35 29.87 -2.33
CA LEU A 128 5.00 29.17 -3.55
C LEU A 128 6.02 28.08 -3.85
N LEU A 129 5.54 26.86 -4.09
CA LEU A 129 6.41 25.77 -4.47
C LEU A 129 6.70 25.84 -5.96
N THR A 130 7.99 25.85 -6.30
CA THR A 130 8.42 25.87 -7.68
C THR A 130 9.26 24.64 -7.99
N VAL A 131 9.56 24.48 -9.28
CA VAL A 131 10.35 23.36 -9.74
C VAL A 131 11.16 23.76 -10.96
N ASN A 132 12.41 23.32 -11.00
CA ASN A 132 13.30 23.58 -12.13
C ASN A 132 13.19 22.48 -13.17
N LEU A 133 12.88 22.87 -14.41
CA LEU A 133 12.76 21.96 -15.54
C LEU A 133 13.81 22.28 -16.60
N ASP A 134 14.39 21.25 -17.21
CA ASP A 134 15.35 21.50 -18.29
C ASP A 134 14.63 22.02 -19.54
N ASN A 135 13.41 21.52 -19.78
CA ASN A 135 12.52 22.07 -20.79
C ASN A 135 11.23 22.62 -20.14
N PRO A 136 11.25 23.91 -19.79
CA PRO A 136 10.11 24.56 -19.14
C PRO A 136 9.02 25.01 -20.09
N THR A 137 9.12 24.68 -21.39
CA THR A 137 8.13 25.08 -22.39
C THR A 137 6.69 24.69 -21.99
N GLY A 138 5.79 25.67 -22.00
CA GLY A 138 4.38 25.47 -21.64
C GLY A 138 4.00 25.87 -20.21
N TYR A 139 5.00 26.06 -19.36
CA TYR A 139 4.80 26.29 -17.93
C TYR A 139 5.01 27.76 -17.55
N GLY A 140 4.38 28.20 -16.46
CA GLY A 140 4.50 29.55 -15.97
C GLY A 140 5.87 29.80 -15.35
N ARG A 141 6.64 30.73 -15.93
CA ARG A 141 7.98 31.08 -15.44
C ARG A 141 7.94 31.95 -14.17
N ILE A 142 8.81 31.63 -13.22
CA ILE A 142 8.92 32.39 -11.98
C ILE A 142 9.85 33.59 -12.21
N ILE A 143 9.34 34.79 -11.99
CA ILE A 143 10.14 36.01 -12.10
C ILE A 143 10.49 36.43 -10.68
N ARG A 144 11.79 36.45 -10.38
CA ARG A 144 12.29 36.92 -9.09
C ARG A 144 12.88 38.33 -9.20
N GLU A 145 12.47 39.21 -8.29
CA GLU A 145 13.14 40.49 -8.07
C GLU A 145 13.50 40.53 -6.60
N ASN A 146 14.80 40.62 -6.31
CA ASN A 146 15.36 40.30 -5.00
C ASN A 146 15.18 38.78 -4.74
N GLY A 147 14.66 38.40 -3.57
CA GLY A 147 14.34 37.01 -3.28
C GLY A 147 12.84 36.76 -3.25
N ASN A 148 12.06 37.60 -3.94
CA ASN A 148 10.60 37.47 -3.97
C ASN A 148 10.01 37.30 -5.37
N VAL A 149 8.93 36.52 -5.45
CA VAL A 149 8.26 36.25 -6.72
C VAL A 149 7.32 37.41 -7.03
N VAL A 150 7.63 38.15 -8.09
CA VAL A 150 6.82 39.29 -8.50
C VAL A 150 5.83 38.95 -9.60
N ALA A 151 6.06 37.84 -10.29
CA ALA A 151 5.12 37.39 -11.33
C ALA A 151 5.34 35.93 -11.72
N ILE A 152 4.29 35.34 -12.28
CA ILE A 152 4.35 34.05 -12.93
C ILE A 152 3.92 34.32 -14.35
N VAL A 153 4.88 34.22 -15.27
CA VAL A 153 4.65 34.59 -16.66
C VAL A 153 4.43 33.37 -17.50
N GLU A 154 3.25 33.26 -18.09
CA GLU A 154 2.89 32.10 -18.89
C GLU A 154 3.68 32.07 -20.20
N GLN A 155 3.82 30.87 -20.76
CA GLN A 155 4.55 30.63 -22.02
C GLN A 155 4.23 31.65 -23.10
N LYS A 156 2.93 31.85 -23.35
CA LYS A 156 2.48 32.71 -24.44
C LYS A 156 2.78 34.21 -24.27
N ASP A 157 3.09 34.63 -23.04
CA ASP A 157 3.38 36.03 -22.73
C ASP A 157 4.88 36.32 -22.56
N ALA A 158 5.69 35.29 -22.32
CA ALA A 158 7.08 35.50 -21.95
C ALA A 158 7.89 36.07 -23.11
N ASN A 159 8.83 36.97 -22.80
CA ASN A 159 9.78 37.49 -23.79
C ASN A 159 10.93 36.49 -23.95
N ALA A 160 11.89 36.79 -24.83
CA ALA A 160 13.01 35.91 -25.13
C ALA A 160 13.79 35.45 -23.89
N GLU A 161 14.19 36.38 -23.03
CA GLU A 161 14.97 36.05 -21.84
C GLU A 161 14.15 35.27 -20.81
N GLN A 162 12.85 35.59 -20.70
CA GLN A 162 11.98 34.92 -19.72
C GLN A 162 11.76 33.46 -20.10
N LEU A 163 11.70 33.18 -21.40
CA LEU A 163 11.53 31.81 -21.88
C LEU A 163 12.68 30.88 -21.45
N ASN A 164 13.86 31.44 -21.20
CA ASN A 164 15.02 30.66 -20.74
C ASN A 164 15.04 30.38 -19.24
N ILE A 165 14.12 31.00 -18.50
CA ILE A 165 13.95 30.69 -17.09
C ILE A 165 13.49 29.23 -16.94
N LYS A 166 14.21 28.47 -16.13
CA LYS A 166 13.92 27.06 -15.90
C LYS A 166 12.99 26.84 -14.69
N GLU A 167 12.95 27.81 -13.78
CA GLU A 167 12.08 27.71 -12.62
C GLU A 167 10.62 28.00 -12.99
N VAL A 168 9.72 27.07 -12.69
CA VAL A 168 8.30 27.21 -13.02
C VAL A 168 7.37 26.95 -11.84
N ASN A 169 6.13 27.40 -11.97
CA ASN A 169 5.09 27.31 -10.94
C ASN A 169 4.49 25.92 -10.88
N THR A 170 4.33 25.39 -9.66
CA THR A 170 3.62 24.11 -9.48
C THR A 170 2.16 24.23 -9.08
N GLY A 171 1.75 25.39 -8.58
CA GLY A 171 0.38 25.58 -8.08
C GLY A 171 0.19 25.20 -6.60
N VAL A 172 1.22 24.63 -5.98
CA VAL A 172 1.20 24.30 -4.57
C VAL A 172 1.69 25.54 -3.81
N MET A 173 0.99 25.92 -2.76
CA MET A 173 1.29 27.14 -2.03
C MET A 173 0.72 27.13 -0.63
N VAL A 174 1.26 28.00 0.23
CA VAL A 174 0.83 28.14 1.60
C VAL A 174 0.57 29.62 1.86
N SER A 175 -0.54 29.92 2.49
CA SER A 175 -0.81 31.27 3.00
C SER A 175 -1.73 31.18 4.19
N ASP A 176 -1.92 32.27 4.92
CA ASP A 176 -2.83 32.24 6.07
C ASP A 176 -4.30 32.26 5.60
N GLY A 177 -5.18 31.77 6.45
CA GLY A 177 -6.58 31.63 6.10
C GLY A 177 -7.26 32.95 5.75
N ALA A 178 -6.93 34.02 6.47
CA ALA A 178 -7.54 35.32 6.21
C ALA A 178 -7.12 35.87 4.83
N SER A 179 -5.86 35.68 4.48
CA SER A 179 -5.34 36.12 3.19
C SER A 179 -6.02 35.34 2.06
N PHE A 180 -6.19 34.03 2.22
CA PHE A 180 -6.92 33.22 1.24
C PHE A 180 -8.35 33.74 1.06
N LYS A 181 -9.05 34.01 2.15
CA LYS A 181 -10.44 34.46 2.03
C LYS A 181 -10.54 35.77 1.23
N LYS A 182 -9.62 36.69 1.51
CA LYS A 182 -9.57 38.01 0.88
C LYS A 182 -9.22 37.92 -0.61
N TRP A 183 -8.17 37.18 -0.92
CA TRP A 183 -7.66 37.14 -2.30
C TRP A 183 -8.50 36.25 -3.20
N LEU A 184 -9.00 35.13 -2.69
CA LEU A 184 -9.84 34.27 -3.51
C LEU A 184 -11.09 35.03 -4.02
N ALA A 185 -11.63 35.93 -3.21
CA ALA A 185 -12.77 36.75 -3.62
C ALA A 185 -12.45 37.75 -4.74
N ARG A 186 -11.16 37.99 -4.96
CA ARG A 186 -10.69 38.89 -6.00
C ARG A 186 -10.18 38.22 -7.27
N VAL A 187 -10.17 36.88 -7.29
CA VAL A 187 -9.77 36.18 -8.49
C VAL A 187 -10.87 36.25 -9.56
N GLY A 188 -10.47 36.59 -10.78
CA GLY A 188 -11.36 36.64 -11.91
C GLY A 188 -11.12 35.47 -12.85
N ASN A 189 -11.91 35.42 -13.92
CA ASN A 189 -11.80 34.37 -14.92
C ASN A 189 -11.57 34.91 -16.34
N ASN A 190 -10.97 36.08 -16.43
CA ASN A 190 -10.73 36.72 -17.72
C ASN A 190 -9.45 36.19 -18.37
N ASN A 191 -9.59 35.02 -18.97
CA ASN A 191 -8.49 34.32 -19.63
C ASN A 191 -9.09 33.33 -20.63
N ALA A 192 -8.24 32.71 -21.45
CA ALA A 192 -8.70 31.89 -22.58
C ALA A 192 -9.55 30.68 -22.17
N GLN A 193 -9.34 30.21 -20.95
CA GLN A 193 -10.04 29.04 -20.44
C GLN A 193 -11.31 29.42 -19.69
N GLY A 194 -11.48 30.71 -19.41
CA GLY A 194 -12.60 31.18 -18.61
C GLY A 194 -12.62 30.58 -17.20
N GLU A 195 -11.46 30.27 -16.66
CA GLU A 195 -11.35 29.67 -15.32
C GLU A 195 -10.78 30.61 -14.27
N TYR A 196 -11.13 30.35 -13.01
CA TYR A 196 -10.59 31.06 -11.86
C TYR A 196 -9.36 30.29 -11.37
N TYR A 197 -8.17 30.82 -11.66
CA TYR A 197 -6.92 30.14 -11.35
C TYR A 197 -6.37 30.55 -9.99
N LEU A 198 -6.01 29.55 -9.19
CA LEU A 198 -5.37 29.79 -7.91
C LEU A 198 -4.07 30.58 -8.11
N THR A 199 -3.39 30.33 -9.22
CA THR A 199 -2.17 31.04 -9.64
C THR A 199 -2.26 32.56 -9.48
N ASP A 200 -3.43 33.11 -9.77
CA ASP A 200 -3.63 34.56 -9.70
C ASP A 200 -3.43 35.17 -8.30
N LEU A 201 -3.44 34.34 -7.25
CA LEU A 201 -3.12 34.82 -5.90
C LEU A 201 -1.75 35.49 -5.80
N ILE A 202 -0.78 35.09 -6.63
CA ILE A 202 0.55 35.69 -6.61
C ILE A 202 0.48 37.16 -7.05
N ALA A 203 -0.25 37.41 -8.14
CA ALA A 203 -0.45 38.77 -8.63
C ALA A 203 -1.20 39.59 -7.59
N LEU A 204 -2.22 39.00 -6.96
CA LEU A 204 -3.02 39.68 -5.97
C LEU A 204 -2.24 40.01 -4.71
N ALA A 205 -1.34 39.12 -4.32
CA ALA A 205 -0.52 39.36 -3.14
C ALA A 205 0.44 40.52 -3.40
N ASN A 206 1.00 40.57 -4.61
CA ASN A 206 1.94 41.62 -4.99
C ASN A 206 1.22 42.97 -5.12
N GLN A 207 -0.03 42.94 -5.59
CA GLN A 207 -0.90 44.12 -5.60
C GLN A 207 -1.07 44.72 -4.19
N ASP A 208 -1.07 43.86 -3.18
CA ASP A 208 -1.29 44.23 -1.78
C ASP A 208 -0.02 44.54 -1.00
N ASN A 209 1.11 44.63 -1.69
CA ASN A 209 2.42 44.76 -1.06
C ASN A 209 2.71 43.67 -0.04
N CYS A 210 2.25 42.46 -0.36
CA CYS A 210 2.57 41.27 0.43
C CYS A 210 3.63 40.46 -0.32
N GLN A 211 4.46 39.78 0.44
CA GLN A 211 5.63 39.10 -0.08
C GLN A 211 5.27 37.69 -0.54
N VAL A 212 5.78 37.30 -1.70
CA VAL A 212 5.70 35.91 -2.18
C VAL A 212 7.13 35.41 -2.28
N VAL A 213 7.40 34.29 -1.60
CA VAL A 213 8.72 33.67 -1.59
C VAL A 213 8.63 32.29 -2.26
N ALA A 214 9.61 31.96 -3.10
CA ALA A 214 9.66 30.66 -3.75
C ALA A 214 10.49 29.64 -2.95
N VAL A 215 10.02 28.39 -2.95
CA VAL A 215 10.79 27.25 -2.42
C VAL A 215 10.84 26.21 -3.53
N GLN A 216 12.04 25.75 -3.87
CA GLN A 216 12.20 24.81 -4.96
C GLN A 216 12.02 23.38 -4.48
N ALA A 217 11.26 22.60 -5.23
CA ALA A 217 11.13 21.17 -4.96
C ALA A 217 12.49 20.53 -5.21
N THR A 218 12.82 19.54 -4.40
CA THR A 218 14.13 18.89 -4.52
C THR A 218 14.16 17.97 -5.73
N ASP A 219 12.99 17.44 -6.08
CA ASP A 219 12.79 16.42 -7.09
C ASP A 219 11.62 16.80 -7.99
N VAL A 220 11.75 16.70 -9.32
CA VAL A 220 10.61 16.95 -10.20
C VAL A 220 9.47 15.95 -9.92
N MET A 221 9.82 14.68 -9.70
CA MET A 221 8.80 13.63 -9.52
C MET A 221 7.92 13.88 -8.32
N GLU A 222 8.48 14.56 -7.34
CA GLU A 222 7.78 14.95 -6.13
C GLU A 222 6.49 15.72 -6.43
N VAL A 223 6.51 16.54 -7.47
CA VAL A 223 5.37 17.38 -7.81
C VAL A 223 4.55 16.89 -9.01
N GLU A 224 4.96 15.79 -9.63
CA GLU A 224 4.24 15.28 -10.79
C GLU A 224 2.88 14.69 -10.42
N GLY A 225 1.89 14.95 -11.26
CA GLY A 225 0.60 14.31 -11.18
C GLY A 225 0.43 13.24 -12.25
N ALA A 226 -0.58 12.40 -12.09
CA ALA A 226 -0.92 11.38 -13.08
C ALA A 226 -2.27 11.70 -13.72
N ASN A 227 -2.24 11.93 -15.03
CA ASN A 227 -3.42 12.15 -15.84
C ASN A 227 -3.83 10.89 -16.58
N ASN A 228 -2.91 9.93 -16.67
CA ASN A 228 -3.19 8.68 -17.34
C ASN A 228 -2.39 7.58 -16.66
N ARG A 229 -2.59 6.35 -17.07
CA ARG A 229 -2.00 5.23 -16.35
C ARG A 229 -0.53 5.03 -16.65
N LEU A 230 -0.05 5.56 -17.77
CA LEU A 230 1.37 5.56 -18.08
C LEU A 230 2.12 6.43 -17.07
N GLN A 231 1.58 7.62 -16.79
CA GLN A 231 2.14 8.50 -15.78
C GLN A 231 2.03 7.88 -14.38
N LEU A 232 0.89 7.23 -14.12
CA LEU A 232 0.70 6.54 -12.85
C LEU A 232 1.77 5.47 -12.63
N ALA A 233 2.07 4.70 -13.66
CA ALA A 233 3.10 3.65 -13.55
C ALA A 233 4.49 4.24 -13.33
N ALA A 234 4.72 5.44 -13.86
CA ALA A 234 5.97 6.14 -13.60
C ALA A 234 6.05 6.54 -12.13
N LEU A 235 4.95 7.03 -11.56
CA LEU A 235 4.91 7.38 -10.14
C LEU A 235 5.13 6.14 -9.28
N GLU A 236 4.50 5.04 -9.67
CA GLU A 236 4.58 3.78 -8.92
C GLU A 236 6.03 3.31 -8.84
N ARG A 237 6.71 3.33 -9.97
CA ARG A 237 8.10 2.85 -10.06
C ARG A 237 9.03 3.74 -9.21
N TYR A 238 8.82 5.05 -9.28
CA TYR A 238 9.64 5.99 -8.51
C TYR A 238 9.41 5.79 -7.02
N PHE A 239 8.15 5.65 -6.63
CA PHE A 239 7.78 5.39 -5.25
C PHE A 239 8.39 4.07 -4.73
N GLN A 240 8.27 3.00 -5.51
CA GLN A 240 8.79 1.69 -5.10
C GLN A 240 10.30 1.74 -4.96
N ASN A 241 10.98 2.40 -5.91
CA ASN A 241 12.43 2.57 -5.82
C ASN A 241 12.85 3.30 -4.54
N LYS A 242 12.11 4.37 -4.20
CA LYS A 242 12.41 5.17 -3.04
C LYS A 242 12.22 4.33 -1.76
N GLN A 243 11.12 3.56 -1.72
CA GLN A 243 10.84 2.68 -0.59
C GLN A 243 11.95 1.64 -0.44
N ALA A 244 12.32 1.00 -1.54
CA ALA A 244 13.37 0.01 -1.55
C ALA A 244 14.71 0.59 -1.10
N SER A 245 15.03 1.78 -1.59
CA SER A 245 16.26 2.48 -1.21
C SER A 245 16.34 2.78 0.28
N LYS A 246 15.22 3.19 0.87
CA LYS A 246 15.15 3.44 2.31
C LYS A 246 15.41 2.16 3.10
N LEU A 247 14.81 1.05 2.66
CA LEU A 247 14.97 -0.23 3.34
C LEU A 247 16.41 -0.75 3.22
N LEU A 248 17.02 -0.61 2.04
CA LEU A 248 18.42 -0.97 1.82
C LEU A 248 19.33 -0.20 2.79
N LEU A 249 19.11 1.10 2.89
CA LEU A 249 19.92 1.93 3.78
C LEU A 249 19.67 1.60 5.27
N GLU A 250 18.51 1.02 5.60
CA GLU A 250 18.23 0.54 6.97
C GLU A 250 18.83 -0.82 7.25
N GLY A 251 19.34 -1.49 6.23
CA GLY A 251 20.05 -2.74 6.39
C GLY A 251 19.32 -3.97 5.87
N VAL A 252 18.24 -3.79 5.13
CA VAL A 252 17.54 -4.92 4.51
C VAL A 252 18.23 -5.24 3.19
N MET A 253 18.66 -6.49 2.98
CA MET A 253 19.26 -6.86 1.71
C MET A 253 18.18 -7.17 0.69
N ILE A 254 17.89 -6.21 -0.19
CA ILE A 254 16.96 -6.43 -1.29
C ILE A 254 17.83 -6.66 -2.53
N TYR A 255 17.87 -7.90 -3.01
CA TYR A 255 18.78 -8.30 -4.07
C TYR A 255 18.63 -7.41 -5.31
N ASP A 256 17.38 -7.08 -5.67
CA ASP A 256 17.14 -6.13 -6.78
C ASP A 256 15.98 -5.19 -6.45
N PRO A 257 16.28 -3.94 -6.12
CA PRO A 257 15.23 -2.97 -5.76
C PRO A 257 14.27 -2.64 -6.90
N ALA A 258 14.64 -2.95 -8.15
CA ALA A 258 13.73 -2.77 -9.28
C ALA A 258 12.71 -3.92 -9.40
N ARG A 259 12.95 -5.01 -8.68
CA ARG A 259 12.02 -6.15 -8.64
C ARG A 259 11.61 -6.42 -7.21
N PHE A 260 11.10 -5.39 -6.57
CA PHE A 260 10.62 -5.46 -5.21
C PHE A 260 9.43 -4.53 -5.12
N ASP A 261 8.36 -4.99 -4.49
CA ASP A 261 7.19 -4.15 -4.28
C ASP A 261 6.72 -4.21 -2.84
N LEU A 262 6.57 -3.03 -2.24
CA LEU A 262 5.96 -2.89 -0.92
C LEU A 262 4.67 -2.07 -1.07
N ARG A 263 3.57 -2.65 -0.64
CA ARG A 263 2.24 -2.06 -0.74
C ARG A 263 1.62 -2.07 0.65
N GLY A 264 2.20 -1.28 1.54
CA GLY A 264 1.84 -1.26 2.94
C GLY A 264 3.02 -0.83 3.79
N THR A 265 3.22 -1.49 4.93
CA THR A 265 4.33 -1.17 5.83
C THR A 265 5.12 -2.45 6.13
N LEU A 266 6.43 -2.29 6.27
CA LEU A 266 7.32 -3.39 6.58
C LEU A 266 8.10 -3.02 7.84
N GLU A 267 7.96 -3.83 8.89
CA GLU A 267 8.82 -3.76 10.07
C GLU A 267 9.82 -4.89 9.90
N HIS A 268 11.11 -4.61 10.16
CA HIS A 268 12.15 -5.60 9.93
C HIS A 268 13.19 -5.62 11.03
N GLY A 269 13.77 -6.80 11.26
CA GLY A 269 14.96 -6.94 12.06
C GLY A 269 16.24 -6.72 11.27
N LYS A 270 17.35 -7.22 11.80
CA LYS A 270 18.65 -7.16 11.14
C LYS A 270 18.88 -8.37 10.26
N ASP A 271 19.66 -8.17 9.21
CA ASP A 271 20.13 -9.24 8.32
C ASP A 271 19.00 -9.98 7.60
N VAL A 272 17.95 -9.24 7.27
CA VAL A 272 16.87 -9.79 6.47
C VAL A 272 17.31 -9.78 5.00
N GLU A 273 17.01 -10.85 4.28
CA GLU A 273 17.36 -10.96 2.87
C GLU A 273 16.10 -11.21 2.06
N ILE A 274 15.87 -10.39 1.02
CA ILE A 274 14.69 -10.53 0.17
C ILE A 274 15.15 -10.65 -1.28
N ASP A 275 14.87 -11.81 -1.88
CA ASP A 275 15.29 -12.11 -3.23
C ASP A 275 14.35 -11.38 -4.21
N VAL A 276 14.62 -11.54 -5.49
CA VAL A 276 13.93 -10.80 -6.53
C VAL A 276 12.46 -11.25 -6.65
N ASN A 277 11.62 -10.30 -7.04
CA ASN A 277 10.19 -10.48 -7.34
C ASN A 277 9.39 -10.89 -6.11
N VAL A 278 9.63 -10.20 -5.01
CA VAL A 278 8.83 -10.39 -3.81
C VAL A 278 7.87 -9.21 -3.71
N ILE A 279 6.64 -9.50 -3.27
CA ILE A 279 5.62 -8.49 -3.04
C ILE A 279 5.23 -8.56 -1.57
N ILE A 280 5.29 -7.43 -0.89
CA ILE A 280 4.93 -7.32 0.51
C ILE A 280 3.72 -6.40 0.56
N GLU A 281 2.62 -6.87 1.15
CA GLU A 281 1.36 -6.13 1.15
C GLU A 281 0.78 -6.05 2.55
N GLY A 282 0.05 -4.99 2.83
CA GLY A 282 -0.54 -4.78 4.14
C GLY A 282 0.54 -4.53 5.18
N ASN A 283 0.32 -5.00 6.40
CA ASN A 283 1.26 -4.80 7.48
C ASN A 283 2.06 -6.09 7.70
N VAL A 284 3.35 -6.04 7.40
CA VAL A 284 4.21 -7.21 7.48
C VAL A 284 5.33 -6.92 8.47
N LYS A 285 5.59 -7.87 9.35
CA LYS A 285 6.70 -7.81 10.31
C LYS A 285 7.61 -9.01 10.08
N LEU A 286 8.89 -8.74 9.82
CA LEU A 286 9.91 -9.78 9.66
C LEU A 286 10.94 -9.66 10.76
N GLY A 287 11.26 -10.77 11.42
CA GLY A 287 12.28 -10.77 12.46
C GLY A 287 13.69 -10.75 11.89
N ASP A 288 14.67 -10.92 12.78
CA ASP A 288 16.08 -11.01 12.40
C ASP A 288 16.38 -12.23 11.54
N ARG A 289 17.21 -12.03 10.50
CA ARG A 289 17.73 -13.09 9.66
C ARG A 289 16.63 -13.89 8.95
N VAL A 290 15.51 -13.25 8.66
CA VAL A 290 14.51 -13.85 7.81
C VAL A 290 15.01 -13.80 6.37
N LYS A 291 14.85 -14.91 5.64
CA LYS A 291 15.22 -14.98 4.24
C LYS A 291 13.97 -15.30 3.42
N ILE A 292 13.66 -14.46 2.43
CA ILE A 292 12.50 -14.64 1.56
C ILE A 292 13.01 -14.92 0.16
N GLY A 293 12.58 -16.04 -0.39
CA GLY A 293 13.04 -16.50 -1.67
C GLY A 293 12.25 -15.85 -2.77
N THR A 294 12.66 -16.11 -4.01
CA THR A 294 12.11 -15.41 -5.16
C THR A 294 10.62 -15.74 -5.33
N GLY A 295 9.87 -14.75 -5.76
CA GLY A 295 8.48 -14.91 -6.15
C GLY A 295 7.51 -15.00 -4.99
N CYS A 296 7.94 -14.71 -3.76
CA CYS A 296 7.02 -14.84 -2.64
C CYS A 296 6.08 -13.63 -2.56
N VAL A 297 4.89 -13.87 -2.04
CA VAL A 297 3.89 -12.84 -1.76
C VAL A 297 3.49 -12.96 -0.30
N LEU A 298 3.73 -11.91 0.47
CA LEU A 298 3.40 -11.86 1.89
C LEU A 298 2.43 -10.71 2.14
N LYS A 299 1.24 -11.02 2.64
CA LYS A 299 0.22 -10.00 2.91
C LYS A 299 -0.27 -10.16 4.34
N ASN A 300 -0.04 -9.16 5.18
CA ASN A 300 -0.53 -9.15 6.55
C ASN A 300 -0.03 -10.37 7.34
N VAL A 301 1.28 -10.45 7.47
CA VAL A 301 1.91 -11.60 8.09
C VAL A 301 2.93 -11.14 9.14
N VAL A 302 3.13 -11.97 10.16
CA VAL A 302 4.22 -11.80 11.11
C VAL A 302 5.14 -13.03 10.99
N ILE A 303 6.42 -12.79 10.72
CA ILE A 303 7.39 -13.86 10.57
C ILE A 303 8.47 -13.70 11.63
N GLY A 304 8.72 -14.75 12.39
CA GLY A 304 9.67 -14.72 13.48
C GLY A 304 11.12 -14.79 13.02
N ASN A 305 12.03 -14.67 13.99
CA ASN A 305 13.47 -14.72 13.70
C ASN A 305 13.84 -16.03 13.01
N ASP A 306 14.79 -15.94 12.07
CA ASP A 306 15.47 -17.08 11.49
C ASP A 306 14.58 -17.99 10.64
N VAL A 307 13.47 -17.45 10.15
CA VAL A 307 12.59 -18.18 9.25
C VAL A 307 13.12 -18.07 7.81
N GLU A 308 13.07 -19.18 7.07
CA GLU A 308 13.36 -19.14 5.65
C GLU A 308 12.07 -19.48 4.93
N ILE A 309 11.67 -18.60 4.02
CA ILE A 309 10.56 -18.83 3.10
C ILE A 309 11.17 -19.08 1.74
N LYS A 310 10.98 -20.28 1.22
CA LYS A 310 11.57 -20.69 -0.04
C LYS A 310 10.65 -20.23 -1.18
N PRO A 311 11.15 -20.24 -2.41
CA PRO A 311 10.47 -19.57 -3.52
C PRO A 311 9.00 -19.92 -3.78
N TYR A 312 8.28 -18.96 -4.35
CA TYR A 312 6.89 -19.17 -4.80
C TYR A 312 5.98 -19.62 -3.68
N SER A 313 6.13 -18.98 -2.52
CA SER A 313 5.22 -19.18 -1.39
C SER A 313 4.33 -17.94 -1.26
N VAL A 314 3.05 -18.18 -0.98
CA VAL A 314 2.04 -17.13 -0.88
C VAL A 314 1.40 -17.24 0.49
N LEU A 315 1.58 -16.19 1.31
CA LEU A 315 1.12 -16.19 2.70
C LEU A 315 0.23 -14.98 2.96
N GLU A 316 -0.89 -15.19 3.63
CA GLU A 316 -1.80 -14.08 3.95
C GLU A 316 -2.39 -14.24 5.33
N ASP A 317 -2.38 -13.17 6.13
CA ASP A 317 -3.03 -13.14 7.46
C ASP A 317 -2.59 -14.32 8.33
N SER A 318 -1.28 -14.50 8.42
CA SER A 318 -0.69 -15.65 9.05
C SER A 318 0.44 -15.25 9.96
N ILE A 319 0.76 -16.13 10.89
CA ILE A 319 1.86 -15.93 11.83
C ILE A 319 2.76 -17.14 11.72
N VAL A 320 4.07 -16.90 11.71
CA VAL A 320 5.07 -17.95 11.58
C VAL A 320 6.14 -17.79 12.66
N GLY A 321 6.33 -18.84 13.44
CA GLY A 321 7.22 -18.82 14.60
C GLY A 321 8.67 -18.94 14.20
N GLU A 322 9.55 -18.70 15.15
CA GLU A 322 10.98 -18.64 14.87
C GLU A 322 11.53 -19.96 14.36
N LYS A 323 12.46 -19.89 13.44
CA LYS A 323 13.18 -21.04 12.90
C LYS A 323 12.29 -21.98 12.08
N ALA A 324 11.09 -21.53 11.73
CA ALA A 324 10.25 -22.28 10.79
C ALA A 324 10.85 -22.25 9.39
N ALA A 325 10.41 -23.21 8.58
CA ALA A 325 10.84 -23.32 7.19
C ALA A 325 9.58 -23.50 6.36
N ILE A 326 9.36 -22.60 5.42
CA ILE A 326 8.15 -22.61 4.59
C ILE A 326 8.58 -22.67 3.12
N GLY A 327 7.89 -23.45 2.31
CA GLY A 327 8.09 -23.42 0.87
C GLY A 327 9.09 -24.46 0.41
N PRO A 328 9.37 -24.51 -0.89
CA PRO A 328 8.75 -23.64 -1.91
C PRO A 328 7.32 -24.08 -2.23
N PHE A 329 6.56 -23.25 -2.96
CA PHE A 329 5.19 -23.61 -3.38
C PHE A 329 4.27 -23.92 -2.20
N SER A 330 4.41 -23.16 -1.11
CA SER A 330 3.54 -23.30 0.06
C SER A 330 2.49 -22.18 0.03
N ARG A 331 1.30 -22.49 0.55
CA ARG A 331 0.20 -21.56 0.60
C ARG A 331 -0.32 -21.49 2.04
N LEU A 332 -0.17 -20.33 2.66
CA LEU A 332 -0.77 -20.06 3.96
C LEU A 332 -1.93 -19.07 3.74
N ARG A 333 -3.12 -19.52 4.09
CA ARG A 333 -4.33 -18.74 3.94
C ARG A 333 -4.69 -18.13 5.28
N PRO A 334 -5.59 -17.15 5.30
CA PRO A 334 -5.88 -16.46 6.57
C PRO A 334 -6.13 -17.39 7.76
N GLY A 335 -5.55 -17.02 8.90
CA GLY A 335 -5.68 -17.75 10.14
C GLY A 335 -4.68 -18.89 10.31
N ALA A 336 -3.70 -19.01 9.41
CA ALA A 336 -2.64 -20.01 9.58
C ALA A 336 -1.67 -19.49 10.65
N GLU A 337 -1.43 -20.29 11.68
CA GLU A 337 -0.50 -19.95 12.75
C GLU A 337 0.48 -21.10 12.92
N LEU A 338 1.72 -20.91 12.51
CA LEU A 338 2.73 -21.94 12.58
C LEU A 338 3.63 -21.63 13.76
N ALA A 339 3.85 -22.61 14.62
CA ALA A 339 4.71 -22.40 15.76
C ALA A 339 6.17 -22.43 15.31
N ALA A 340 7.07 -22.20 16.28
CA ALA A 340 8.50 -22.30 16.05
C ALA A 340 8.90 -23.68 15.51
N GLU A 341 9.92 -23.69 14.66
CA GLU A 341 10.56 -24.93 14.21
C GLU A 341 9.63 -25.85 13.42
N THR A 342 8.57 -25.28 12.84
CA THR A 342 7.66 -26.02 11.98
C THR A 342 8.21 -26.10 10.56
N HIS A 343 7.64 -27.00 9.78
CA HIS A 343 8.07 -27.24 8.40
C HIS A 343 6.81 -27.36 7.55
N VAL A 344 6.68 -26.51 6.53
CA VAL A 344 5.57 -26.60 5.58
C VAL A 344 6.20 -26.63 4.19
N GLY A 345 5.84 -27.62 3.37
CA GLY A 345 6.53 -27.87 2.11
C GLY A 345 5.71 -27.64 0.86
N ASN A 346 6.18 -28.23 -0.25
CA ASN A 346 5.60 -27.92 -1.55
C ASN A 346 4.20 -28.47 -1.73
N PHE A 347 3.37 -27.64 -2.34
CA PHE A 347 2.00 -27.98 -2.71
C PHE A 347 1.21 -28.31 -1.46
N VAL A 348 1.44 -27.48 -0.44
CA VAL A 348 0.72 -27.59 0.82
C VAL A 348 -0.08 -26.31 1.02
N GLU A 349 -1.33 -26.47 1.46
CA GLU A 349 -2.24 -25.35 1.73
C GLU A 349 -2.69 -25.50 3.21
N ILE A 350 -2.48 -24.44 4.00
CA ILE A 350 -2.92 -24.41 5.40
C ILE A 350 -3.86 -23.20 5.56
N LYS A 351 -5.05 -23.46 6.08
CA LYS A 351 -6.09 -22.44 6.20
C LYS A 351 -6.69 -22.51 7.60
N LYS A 352 -6.73 -21.37 8.29
CA LYS A 352 -7.37 -21.26 9.61
C LYS A 352 -7.04 -22.46 10.50
N SER A 353 -5.75 -22.69 10.69
CA SER A 353 -5.26 -23.82 11.47
C SER A 353 -4.03 -23.43 12.26
N THR A 354 -3.85 -24.06 13.42
CA THR A 354 -2.65 -23.88 14.24
C THR A 354 -1.84 -25.16 14.13
N VAL A 355 -0.53 -25.03 14.00
CA VAL A 355 0.38 -26.15 13.83
C VAL A 355 1.47 -25.97 14.88
N GLY A 356 1.63 -26.95 15.77
CA GLY A 356 2.47 -26.81 16.94
C GLY A 356 3.93 -27.05 16.66
N LYS A 357 4.76 -26.76 17.65
CA LYS A 357 6.21 -26.71 17.51
C LYS A 357 6.79 -28.00 16.95
N GLY A 358 7.65 -27.87 15.95
CA GLY A 358 8.39 -29.01 15.42
C GLY A 358 7.61 -29.86 14.43
N SER A 359 6.33 -29.57 14.23
CA SER A 359 5.50 -30.38 13.33
C SER A 359 5.85 -30.13 11.87
N LYS A 360 5.61 -31.13 11.03
CA LYS A 360 5.95 -31.04 9.61
C LYS A 360 4.75 -31.40 8.75
N VAL A 361 4.52 -30.57 7.74
CA VAL A 361 3.49 -30.81 6.73
C VAL A 361 4.17 -30.54 5.37
N ASN A 362 4.83 -31.54 4.81
CA ASN A 362 5.81 -31.29 3.75
C ASN A 362 5.38 -31.52 2.30
N HIS A 363 4.22 -32.13 2.07
CA HIS A 363 3.81 -32.36 0.66
C HIS A 363 2.34 -32.60 0.38
N LEU A 364 1.82 -31.90 -0.63
CA LEU A 364 0.60 -32.32 -1.31
C LEU A 364 -0.55 -32.53 -0.33
N THR A 365 -0.76 -31.54 0.54
CA THR A 365 -1.66 -31.65 1.66
C THR A 365 -2.52 -30.41 1.82
N TYR A 366 -3.76 -30.61 2.26
CA TYR A 366 -4.63 -29.52 2.68
C TYR A 366 -4.99 -29.72 4.14
N VAL A 367 -4.67 -28.72 4.96
CA VAL A 367 -5.08 -28.68 6.37
C VAL A 367 -5.91 -27.42 6.58
N GLY A 368 -7.18 -27.60 6.95
CA GLY A 368 -8.11 -26.52 7.12
C GLY A 368 -8.88 -26.69 8.41
N ASP A 369 -9.13 -25.58 9.09
CA ASP A 369 -9.93 -25.57 10.32
C ASP A 369 -9.44 -26.61 11.32
N SER A 370 -8.14 -26.62 11.55
CA SER A 370 -7.51 -27.66 12.34
C SER A 370 -6.62 -27.11 13.46
N GLU A 371 -6.46 -27.91 14.51
CA GLU A 371 -5.45 -27.67 15.51
C GLU A 371 -4.53 -28.87 15.46
N ILE A 372 -3.24 -28.65 15.21
CA ILE A 372 -2.26 -29.72 15.21
C ILE A 372 -1.24 -29.39 16.28
N GLY A 373 -0.90 -30.38 17.12
CA GLY A 373 0.01 -30.16 18.23
C GLY A 373 1.47 -30.18 17.82
N SER A 374 2.34 -30.41 18.81
CA SER A 374 3.78 -30.38 18.62
C SER A 374 4.34 -31.74 18.17
N ASN A 375 5.38 -31.68 17.35
CA ASN A 375 6.10 -32.84 16.85
C ASN A 375 5.22 -33.87 16.15
N CYS A 376 4.26 -33.38 15.38
CA CYS A 376 3.44 -34.25 14.54
C CYS A 376 4.09 -34.42 13.20
N ASN A 377 3.77 -35.53 12.55
CA ASN A 377 4.23 -35.84 11.20
C ASN A 377 3.00 -36.00 10.32
N ILE A 378 2.69 -35.00 9.50
CA ILE A 378 1.55 -35.03 8.60
C ILE A 378 2.03 -35.46 7.21
N GLY A 379 1.67 -36.69 6.84
CA GLY A 379 2.17 -37.30 5.64
C GLY A 379 1.70 -36.63 4.36
N ALA A 380 2.43 -36.92 3.29
CA ALA A 380 2.03 -36.47 1.96
C ALA A 380 0.63 -36.93 1.62
N GLY A 381 -0.13 -36.05 0.99
CA GLY A 381 -1.44 -36.40 0.48
C GLY A 381 -2.55 -36.38 1.52
N VAL A 382 -2.26 -35.93 2.72
CA VAL A 382 -3.27 -35.87 3.78
C VAL A 382 -4.22 -34.70 3.50
N ILE A 383 -5.50 -34.92 3.73
CA ILE A 383 -6.52 -33.90 3.51
C ILE A 383 -7.48 -33.89 4.68
N THR A 384 -7.73 -32.70 5.24
CA THR A 384 -8.87 -32.52 6.14
C THR A 384 -10.10 -32.19 5.29
N CYS A 385 -11.21 -32.87 5.56
CA CYS A 385 -12.43 -32.61 4.81
C CYS A 385 -13.66 -32.64 5.71
N ASN A 386 -14.80 -32.34 5.10
CA ASN A 386 -16.08 -32.33 5.81
C ASN A 386 -17.10 -33.23 5.11
N TYR A 387 -18.14 -33.57 5.84
CA TYR A 387 -19.31 -34.18 5.26
C TYR A 387 -20.03 -33.16 4.38
N ASP A 388 -20.81 -33.65 3.44
CA ASP A 388 -21.73 -32.79 2.70
C ASP A 388 -22.87 -32.31 3.63
N GLY A 389 -22.67 -31.16 4.24
CA GLY A 389 -23.56 -30.71 5.30
C GLY A 389 -23.79 -29.23 5.19
N ALA A 390 -23.90 -28.57 6.34
CA ALA A 390 -23.93 -27.10 6.38
C ALA A 390 -22.52 -26.59 6.69
N ASN A 391 -22.34 -25.97 7.87
CA ASN A 391 -21.03 -25.43 8.29
C ASN A 391 -19.95 -26.48 8.30
N LYS A 392 -18.70 -26.00 8.41
CA LYS A 392 -17.45 -26.77 8.33
C LYS A 392 -16.65 -26.89 9.66
N PHE A 393 -16.44 -28.12 10.08
CA PHE A 393 -16.08 -28.40 11.45
C PHE A 393 -14.58 -28.62 11.62
N LYS A 394 -14.16 -28.88 12.85
CA LYS A 394 -12.74 -28.79 13.19
C LYS A 394 -12.12 -30.15 13.37
N THR A 395 -10.85 -30.26 12.97
CA THR A 395 -10.04 -31.45 13.16
C THR A 395 -9.03 -31.10 14.24
N ILE A 396 -8.96 -31.90 15.31
CA ILE A 396 -8.06 -31.64 16.42
C ILE A 396 -7.08 -32.78 16.51
N ILE A 397 -5.81 -32.49 16.33
CA ILE A 397 -4.74 -33.46 16.37
C ILE A 397 -3.82 -33.08 17.54
N GLY A 398 -3.55 -34.03 18.42
CA GLY A 398 -2.73 -33.79 19.61
C GLY A 398 -1.25 -33.73 19.28
N ASP A 399 -0.43 -33.94 20.30
CA ASP A 399 1.03 -33.91 20.16
C ASP A 399 1.53 -35.29 19.75
N ASP A 400 2.67 -35.32 19.04
CA ASP A 400 3.37 -36.54 18.72
C ASP A 400 2.51 -37.55 17.93
N VAL A 401 1.70 -37.04 17.03
CA VAL A 401 0.85 -37.88 16.20
C VAL A 401 1.52 -38.07 14.85
N PHE A 402 1.46 -39.31 14.35
CA PHE A 402 1.87 -39.66 13.00
C PHE A 402 0.62 -39.90 12.16
N VAL A 403 0.48 -39.14 11.07
CA VAL A 403 -0.61 -39.33 10.13
C VAL A 403 -0.05 -39.80 8.80
N GLY A 404 -0.38 -41.04 8.46
CA GLY A 404 0.17 -41.69 7.29
C GLY A 404 -0.33 -41.06 6.01
N SER A 405 0.47 -41.21 4.95
CA SER A 405 0.21 -40.56 3.68
C SER A 405 -1.17 -40.89 3.08
N ASP A 406 -1.75 -39.90 2.41
CA ASP A 406 -3.01 -40.07 1.69
C ASP A 406 -4.17 -40.47 2.60
N THR A 407 -4.15 -39.97 3.83
CA THR A 407 -5.22 -40.21 4.78
C THR A 407 -6.18 -39.02 4.73
N GLN A 408 -7.48 -39.28 4.83
CA GLN A 408 -8.47 -38.21 4.96
C GLN A 408 -8.90 -38.15 6.42
N LEU A 409 -8.87 -36.93 6.96
CA LEU A 409 -9.36 -36.65 8.30
C LEU A 409 -10.71 -35.95 8.14
N VAL A 410 -11.78 -36.62 8.57
CA VAL A 410 -13.14 -36.16 8.30
C VAL A 410 -13.67 -35.49 9.54
N ALA A 411 -13.72 -34.16 9.49
CA ALA A 411 -14.17 -33.35 10.62
C ALA A 411 -15.69 -33.52 10.83
N PRO A 412 -16.17 -33.37 12.06
CA PRO A 412 -15.36 -33.10 13.25
C PRO A 412 -14.73 -34.39 13.81
N VAL A 413 -13.44 -34.33 14.11
CA VAL A 413 -12.74 -35.51 14.65
C VAL A 413 -11.56 -35.07 15.51
N LYS A 414 -11.22 -35.92 16.48
CA LYS A 414 -10.13 -35.65 17.41
C LYS A 414 -9.18 -36.84 17.37
N VAL A 415 -7.89 -36.57 17.28
CA VAL A 415 -6.84 -37.59 17.30
C VAL A 415 -5.94 -37.23 18.49
N ALA A 416 -5.90 -38.10 19.48
CA ALA A 416 -5.24 -37.79 20.75
C ALA A 416 -3.72 -37.97 20.65
N ASN A 417 -3.01 -37.55 21.70
CA ASN A 417 -1.56 -37.59 21.75
C ASN A 417 -1.01 -38.98 21.45
N GLY A 418 0.06 -39.02 20.66
CA GLY A 418 0.80 -40.24 20.42
C GLY A 418 0.18 -41.26 19.49
N ALA A 419 -0.95 -40.90 18.87
CA ALA A 419 -1.64 -41.79 17.96
C ALA A 419 -0.85 -41.97 16.67
N THR A 420 -1.05 -43.09 16.02
CA THR A 420 -0.43 -43.43 14.74
C THR A 420 -1.49 -43.86 13.75
N ILE A 421 -1.51 -43.25 12.57
CA ILE A 421 -2.49 -43.55 11.54
C ILE A 421 -1.76 -44.04 10.29
N GLY A 422 -2.13 -45.24 9.84
CA GLY A 422 -1.54 -45.84 8.65
C GLY A 422 -1.91 -45.10 7.38
N ALA A 423 -1.11 -45.28 6.35
CA ALA A 423 -1.38 -44.67 5.05
C ALA A 423 -2.69 -45.16 4.45
N GLY A 424 -3.37 -44.27 3.71
CA GLY A 424 -4.56 -44.62 2.97
C GLY A 424 -5.81 -44.73 3.82
N THR A 425 -5.78 -44.18 5.02
CA THR A 425 -6.87 -44.37 5.97
C THR A 425 -7.94 -43.27 5.81
N THR A 426 -9.19 -43.60 6.13
CA THR A 426 -10.26 -42.61 6.25
C THR A 426 -10.65 -42.55 7.73
N ILE A 427 -10.34 -41.44 8.39
CA ILE A 427 -10.58 -41.25 9.83
C ILE A 427 -11.87 -40.47 10.04
N THR A 428 -12.90 -41.17 10.52
CA THR A 428 -14.16 -40.52 10.84
C THR A 428 -14.47 -40.52 12.34
N ARG A 429 -13.92 -41.48 13.06
CA ARG A 429 -14.13 -41.62 14.51
C ARG A 429 -12.88 -41.15 15.25
N ASP A 430 -13.09 -40.63 16.45
CA ASP A 430 -12.00 -40.15 17.30
C ASP A 430 -11.01 -41.29 17.55
N VAL A 431 -9.74 -40.92 17.58
CA VAL A 431 -8.63 -41.83 17.80
C VAL A 431 -8.08 -41.52 19.19
N GLY A 432 -7.92 -42.56 20.02
CA GLY A 432 -7.44 -42.39 21.38
C GLY A 432 -5.93 -42.28 21.53
N GLU A 433 -5.50 -42.00 22.75
CA GLU A 433 -4.10 -41.80 23.04
C GLU A 433 -3.36 -43.11 22.76
N ASN A 434 -2.24 -43.02 22.06
CA ASN A 434 -1.42 -44.17 21.71
C ASN A 434 -2.21 -45.25 20.95
N GLU A 435 -3.18 -44.84 20.15
CA GLU A 435 -3.94 -45.80 19.36
C GLU A 435 -3.35 -45.82 17.96
N LEU A 436 -3.14 -47.03 17.45
CA LEU A 436 -2.67 -47.25 16.09
C LEU A 436 -3.88 -47.66 15.25
N VAL A 437 -4.10 -46.98 14.14
CA VAL A 437 -5.21 -47.28 13.25
C VAL A 437 -4.65 -47.60 11.89
N ILE A 438 -4.89 -48.80 11.39
CA ILE A 438 -4.40 -49.14 10.06
C ILE A 438 -5.52 -49.72 9.24
N THR A 439 -5.51 -49.40 7.96
CA THR A 439 -6.56 -49.82 7.05
C THR A 439 -6.28 -51.25 6.59
N ARG A 440 -7.31 -52.09 6.66
CA ARG A 440 -7.24 -53.47 6.18
C ARG A 440 -7.71 -53.45 4.73
N VAL A 441 -6.80 -53.63 3.79
CA VAL A 441 -7.18 -53.61 2.38
C VAL A 441 -7.46 -55.03 1.90
N ALA A 442 -8.34 -55.13 0.92
CA ALA A 442 -8.59 -56.36 0.22
C ALA A 442 -8.06 -56.12 -1.18
N GLN A 443 -7.18 -56.98 -1.64
CA GLN A 443 -6.62 -56.87 -2.99
C GLN A 443 -6.85 -58.16 -3.76
N ARG A 444 -7.04 -58.02 -5.07
CA ARG A 444 -7.04 -59.15 -5.99
C ARG A 444 -5.72 -59.13 -6.75
N HIS A 445 -5.02 -60.26 -6.76
CA HIS A 445 -3.75 -60.42 -7.45
C HIS A 445 -3.97 -61.35 -8.63
N ILE A 446 -3.69 -60.86 -9.84
CA ILE A 446 -3.81 -61.67 -11.04
C ILE A 446 -2.44 -61.85 -11.66
N GLN A 447 -1.97 -63.09 -11.70
CA GLN A 447 -0.66 -63.41 -12.26
C GLN A 447 -0.74 -63.56 -13.77
N GLY A 448 0.36 -63.27 -14.46
CA GLY A 448 0.41 -63.43 -15.91
C GLY A 448 -0.44 -62.41 -16.67
N TRP A 449 -0.62 -61.23 -16.08
CA TRP A 449 -1.31 -60.14 -16.76
C TRP A 449 -0.31 -59.41 -17.63
N GLN A 450 -0.42 -59.60 -18.94
CA GLN A 450 0.50 -59.06 -19.90
C GLN A 450 -0.04 -57.69 -20.33
N ARG A 451 0.71 -56.63 -20.06
CA ARG A 451 0.25 -55.27 -20.33
C ARG A 451 0.16 -55.01 -21.83
N PRO A 452 -0.74 -54.11 -22.25
CA PRO A 452 -0.88 -53.80 -23.68
C PRO A 452 0.42 -53.26 -24.31
N ILE A 453 1.39 -54.13 -24.53
CA ILE A 453 2.76 -53.72 -24.84
C ILE A 453 3.61 -54.83 -25.50
CL15 P21 B . 4.88 10.87 -13.32
C11 P21 B . 4.92 11.71 -14.88
C14 P21 B . 5.91 11.37 -15.80
C9 P21 B . 5.91 12.02 -17.03
C13 P21 B . 3.97 12.69 -15.12
C8 P21 B . 3.99 13.34 -16.34
C5 P21 B . 4.95 13.01 -17.26
C1 P21 B . 4.94 13.70 -18.56
O7 P21 B . 4.33 13.10 -19.43
N2 P21 B . 5.54 14.87 -18.74
C12 P21 B . 5.44 15.67 -19.99
C19 P21 B . 4.02 15.62 -20.56
C3 P21 B . 6.42 15.43 -17.69
C6 P21 B . 5.72 16.65 -17.06
N4 P21 B . 6.61 17.36 -16.13
C18 P21 B . 7.99 17.64 -16.56
C21 P21 B . 8.64 16.38 -17.16
C20 P21 B . 7.79 15.81 -18.28
C10 P21 B . 5.90 18.44 -15.42
C16 P21 B . 6.57 18.86 -14.12
C17 P21 B . 5.60 19.74 -13.36
C24 P21 B . 5.49 21.10 -13.64
C28 P21 B . 4.57 21.90 -12.94
C29 P21 B . 3.77 21.32 -11.96
C27 P21 B . 3.88 19.96 -11.68
C25 P21 B . 4.78 19.18 -12.38
C23 P21 B . 3.67 16.86 -21.36
O22 P21 B . 4.59 17.06 -22.43
C26 P21 B . 4.17 18.05 -23.37
S SO4 C . 9.02 -35.75 5.12
O1 SO4 C . 8.74 -36.45 3.87
O2 SO4 C . 9.77 -36.60 6.04
O3 SO4 C . 7.76 -35.39 5.78
O4 SO4 C . 9.76 -34.54 4.83
S SO4 D . -19.45 11.24 -12.84
O1 SO4 D . -20.16 12.33 -13.52
O2 SO4 D . -18.02 11.33 -13.12
O3 SO4 D . -19.95 9.96 -13.31
O4 SO4 D . -19.73 11.34 -11.41
S SO4 E . 8.73 -38.23 13.11
O1 SO4 E . 7.81 -39.18 12.50
O2 SO4 E . 8.18 -36.87 13.08
O3 SO4 E . 9.99 -38.26 12.38
O4 SO4 E . 8.96 -38.62 14.50
S SO4 F . -0.64 15.39 -20.09
O1 SO4 F . -1.66 16.43 -20.23
O2 SO4 F . 0.69 15.96 -20.31
O3 SO4 F . -0.87 14.35 -21.08
O4 SO4 F . -0.70 14.83 -18.75
S SO4 G . -17.41 19.52 -14.85
O1 SO4 G . -18.01 20.31 -13.78
O2 SO4 G . -16.30 18.72 -14.32
O3 SO4 G . -16.90 20.41 -15.89
O4 SO4 G . -18.44 18.64 -15.41
O1 PG4 H . -13.55 23.76 10.27
C1 PG4 H . -14.08 22.51 10.70
C2 PG4 H . -13.97 21.48 9.58
O2 PG4 H . -14.10 20.17 10.16
C3 PG4 H . -14.13 19.09 9.23
C4 PG4 H . -14.69 17.83 9.88
O3 PG4 H . -13.81 16.71 9.75
C5 PG4 H . -12.91 16.55 10.84
C6 PG4 H . -12.00 15.34 10.66
O4 PG4 H . -10.68 15.76 10.27
C7 PG4 H . -9.71 15.85 11.33
C8 PG4 H . -8.32 16.18 10.77
O5 PG4 H . -7.82 15.23 9.81
O1 PG4 I . 3.08 -50.42 11.41
C1 PG4 I . 4.23 -49.94 12.06
C2 PG4 I . 4.12 -48.45 12.35
O2 PG4 I . 3.81 -47.73 11.15
C3 PG4 I . 2.48 -47.23 11.14
C4 PG4 I . 2.35 -46.18 10.04
O3 PG4 I . 2.50 -46.81 8.77
C5 PG4 I . 2.46 -45.89 7.69
C6 PG4 I . 2.33 -46.67 6.40
O4 PG4 I . 1.11 -47.39 6.41
C7 PG4 I . 1.03 -48.32 5.35
C8 PG4 I . -0.33 -49.01 5.33
O5 PG4 I . -0.65 -49.56 6.59
C1 PGE J . 7.55 40.71 -15.55
O1 PGE J . 8.04 41.91 -16.13
C2 PGE J . 6.13 40.40 -15.98
O2 PGE J . 5.89 40.59 -17.37
C3 PGE J . 6.60 39.78 -18.27
C4 PGE J . 5.97 39.83 -19.66
O4 PGE J . 8.74 42.02 -21.83
C6 PGE J . 7.55 41.65 -22.50
C5 PGE J . 6.85 40.49 -21.79
O3 PGE J . 6.63 40.84 -20.43
MG MG K . -6.41 -42.04 -1.54
MG MG L . -4.54 -38.52 -2.75
S SO4 M . 16.22 -30.34 0.16
O1 SO4 M . 15.51 -30.20 -1.11
O2 SO4 M . 17.52 -29.70 0.05
O3 SO4 M . 16.43 -31.76 0.47
O4 SO4 M . 15.41 -29.69 1.18
#